data_4AD6
#
_entry.id   4AD6
#
_cell.length_a   36.587
_cell.length_b   75.709
_cell.length_c   51.362
_cell.angle_alpha   90.00
_cell.angle_beta   99.71
_cell.angle_gamma   90.00
#
_symmetry.space_group_name_H-M   'P 1 21 1'
#
loop_
_entity.id
_entity.type
_entity.pdbx_description
1 polymer '2-amino-4-hydroxy-6-hydroxymethyldihydropteridine pyrophosphokinase'
2 non-polymer 7-(2-HYDROXYETHYL)-8-MERCAPTOGUANINE
3 water water
#
_entity_poly.entity_id   1
_entity_poly.type   'polypeptide(L)'
_entity_poly.pdbx_seq_one_letter_code
;GSHMIQAYLGLGSNIGDRESQLNDAIKILNEYDGISVSNISPIYETAPVGYTEQPNFLNLCVEIQTTLTVLQLLECCLKT
EECLHRIRKERWGPRTLDVDILLYGEEMIDLPKLSVPHPRMNERAFVLIPLNDIAANVVEPRSKLKVKDLVFVDDSVKRY
K
;
_entity_poly.pdbx_strand_id   A,B
#
loop_
_chem_comp.id
_chem_comp.type
_chem_comp.name
_chem_comp.formula
GSY non-polymer 7-(2-HYDROXYETHYL)-8-MERCAPTOGUANINE 'C7 H9 N5 O2 S'
#
# COMPACT_ATOMS: atom_id res chain seq x y z
N SER A 2 9.18 -14.76 -19.04
CA SER A 2 10.61 -14.86 -18.61
C SER A 2 11.55 -13.72 -19.06
N HIS A 3 11.05 -12.74 -19.82
CA HIS A 3 11.77 -11.44 -20.00
C HIS A 3 11.96 -10.80 -18.65
N MET A 4 13.21 -10.53 -18.30
CA MET A 4 13.56 -10.11 -16.96
C MET A 4 13.50 -8.60 -16.83
N ILE A 5 12.90 -8.11 -15.76
CA ILE A 5 12.81 -6.70 -15.53
C ILE A 5 13.74 -6.44 -14.36
N GLN A 6 14.45 -5.34 -14.46
CA GLN A 6 15.25 -4.91 -13.30
C GLN A 6 14.39 -3.99 -12.52
N ALA A 7 14.15 -4.30 -11.24
CA ALA A 7 13.40 -3.41 -10.32
C ALA A 7 14.22 -2.97 -9.11
N TYR A 8 13.84 -1.86 -8.50
CA TYR A 8 14.47 -1.43 -7.23
C TYR A 8 13.38 -1.32 -6.21
N LEU A 9 13.65 -1.89 -5.04
CA LEU A 9 12.75 -1.74 -3.88
C LEU A 9 13.42 -0.93 -2.74
N GLY A 10 12.59 -0.26 -1.97
CA GLY A 10 12.99 0.53 -0.80
C GLY A 10 12.47 -0.20 0.41
N LEU A 11 13.36 -0.49 1.36
CA LEU A 11 13.01 -1.16 2.57
C LEU A 11 13.34 -0.32 3.80
N GLY A 12 12.51 -0.49 4.82
CA GLY A 12 12.62 0.32 6.07
C GLY A 12 12.10 -0.39 7.29
N SER A 13 12.72 -0.12 8.46
CA SER A 13 12.22 -0.63 9.71
C SER A 13 12.66 0.30 10.78
N ASN A 14 11.73 0.71 11.67
CA ASN A 14 12.11 1.61 12.76
C ASN A 14 11.92 1.11 14.20
N ILE A 15 11.42 -0.09 14.37
CA ILE A 15 11.22 -0.62 15.69
C ILE A 15 11.60 -2.10 15.70
N GLY A 16 12.28 -2.51 16.78
CA GLY A 16 12.74 -3.87 16.95
C GLY A 16 14.16 -3.99 16.46
N ASP A 17 14.50 -5.19 15.99
CA ASP A 17 15.83 -5.40 15.45
C ASP A 17 15.84 -5.01 14.00
N ARG A 18 16.00 -3.72 13.79
CA ARG A 18 15.80 -3.09 12.50
C ARG A 18 16.65 -3.71 11.43
N GLU A 19 17.94 -3.88 11.70
CA GLU A 19 18.77 -4.52 10.69
C GLU A 19 18.33 -5.93 10.35
N SER A 20 17.90 -6.67 11.39
CA SER A 20 17.54 -8.10 11.17
C SER A 20 16.23 -8.13 10.31
N GLN A 21 15.33 -7.17 10.56
CA GLN A 21 14.14 -7.00 9.76
C GLN A 21 14.46 -6.78 8.25
N LEU A 22 15.38 -5.86 7.94
CA LEU A 22 15.81 -5.63 6.56
C LEU A 22 16.38 -6.90 5.95
N ASN A 23 17.26 -7.51 6.71
CA ASN A 23 17.89 -8.72 6.30
C ASN A 23 16.95 -9.83 5.99
N ASP A 24 15.92 -10.00 6.82
CA ASP A 24 14.94 -11.05 6.55
C ASP A 24 14.11 -10.76 5.29
N ALA A 25 13.72 -9.50 5.15
CA ALA A 25 12.89 -9.10 3.99
C ALA A 25 13.60 -9.42 2.70
N ILE A 26 14.90 -9.18 2.67
CA ILE A 26 15.72 -9.46 1.45
C ILE A 26 15.73 -10.94 1.13
N LYS A 27 15.99 -11.72 2.18
CA LYS A 27 16.01 -13.16 2.09
C LYS A 27 14.69 -13.73 1.62
N ILE A 28 13.58 -13.18 2.12
CA ILE A 28 12.24 -13.73 1.80
C ILE A 28 11.98 -13.42 0.34
N LEU A 29 12.27 -12.19 -0.06
CA LEU A 29 11.98 -11.76 -1.43
C LEU A 29 12.71 -12.57 -2.47
N ASN A 30 13.96 -12.84 -2.17
CA ASN A 30 14.83 -13.66 -3.03
C ASN A 30 14.37 -15.13 -3.04
N GLU A 31 13.61 -15.55 -2.03
CA GLU A 31 13.07 -16.94 -2.03
C GLU A 31 11.92 -17.18 -3.02
N TYR A 32 11.26 -16.13 -3.50
CA TYR A 32 10.28 -16.25 -4.63
C TYR A 32 10.92 -16.70 -5.95
N ASP A 33 10.22 -17.60 -6.66
CA ASP A 33 10.78 -18.23 -7.86
C ASP A 33 11.07 -17.09 -8.85
N GLY A 34 10.22 -16.07 -8.83
CA GLY A 34 10.32 -14.99 -9.86
C GLY A 34 11.18 -13.80 -9.47
N ILE A 35 11.84 -13.87 -8.31
CA ILE A 35 12.68 -12.77 -7.81
C ILE A 35 14.09 -13.23 -7.45
N SER A 36 15.06 -12.44 -7.89
CA SER A 36 16.44 -12.73 -7.65
C SER A 36 17.04 -11.44 -7.14
N VAL A 37 17.47 -11.45 -5.89
CA VAL A 37 18.11 -10.27 -5.34
C VAL A 37 19.53 -10.18 -5.92
N SER A 38 19.86 -9.11 -6.64
CA SER A 38 21.15 -8.99 -7.32
C SER A 38 22.07 -7.89 -6.79
N ASN A 39 21.53 -6.94 -6.07
CA ASN A 39 22.40 -6.02 -5.33
C ASN A 39 21.68 -5.48 -4.09
N ILE A 40 22.44 -4.99 -3.13
CA ILE A 40 21.85 -4.33 -1.91
C ILE A 40 22.62 -3.07 -1.60
N SER A 41 21.93 -2.00 -1.23
CA SER A 41 22.57 -0.77 -0.89
C SER A 41 23.14 -0.93 0.54
N PRO A 42 24.09 -0.06 0.96
CA PRO A 42 24.32 0.16 2.37
C PRO A 42 23.01 0.49 3.11
N ILE A 43 23.02 0.26 4.44
CA ILE A 43 21.97 0.65 5.32
C ILE A 43 22.25 2.09 5.79
N TYR A 44 21.20 2.89 5.83
CA TYR A 44 21.31 4.24 6.34
C TYR A 44 20.31 4.34 7.48
N GLU A 45 20.73 4.98 8.56
CA GLU A 45 19.83 5.39 9.61
C GLU A 45 19.26 6.73 9.25
N THR A 46 17.92 6.85 9.23
N THR A 46 17.92 6.86 9.29
CA THR A 46 17.28 8.10 8.78
CA THR A 46 17.29 8.07 8.76
C THR A 46 16.26 8.64 9.79
C THR A 46 16.20 8.64 9.70
N ALA A 47 16.19 9.95 9.90
CA ALA A 47 15.18 10.54 10.79
C ALA A 47 13.77 10.30 10.20
N PRO A 48 12.79 10.00 11.09
CA PRO A 48 11.43 9.70 10.65
C PRO A 48 10.80 10.83 9.83
N VAL A 49 10.19 10.47 8.68
CA VAL A 49 9.47 11.42 7.84
C VAL A 49 7.97 11.13 8.02
N GLY A 50 7.11 12.14 8.07
CA GLY A 50 5.66 11.90 8.40
C GLY A 50 5.40 12.28 9.85
N TYR A 51 5.25 11.31 10.75
CA TYR A 51 5.28 11.64 12.14
C TYR A 51 6.69 11.75 12.65
N THR A 52 6.94 12.85 13.31
CA THR A 52 8.29 13.13 13.83
C THR A 52 8.52 12.48 15.16
N GLU A 53 7.46 12.14 15.90
CA GLU A 53 7.63 11.44 17.16
C GLU A 53 7.57 9.92 17.01
N GLN A 54 8.60 9.30 16.44
CA GLN A 54 8.75 7.85 16.30
C GLN A 54 10.26 7.53 16.08
N PRO A 55 10.69 6.25 16.25
CA PRO A 55 12.13 5.99 16.16
C PRO A 55 12.73 6.18 14.81
N ASN A 56 14.03 6.35 14.80
CA ASN A 56 14.72 6.41 13.54
C ASN A 56 14.57 5.14 12.75
N PHE A 57 14.51 5.31 11.45
CA PHE A 57 14.47 4.12 10.59
C PHE A 57 15.88 3.68 10.19
N LEU A 58 16.03 2.37 9.91
CA LEU A 58 17.06 1.88 8.99
C LEU A 58 16.38 1.70 7.66
N ASN A 59 17.01 2.24 6.60
CA ASN A 59 16.55 2.15 5.21
C ASN A 59 17.67 1.58 4.33
N LEU A 60 17.27 0.87 3.29
CA LEU A 60 18.24 0.45 2.30
C LEU A 60 17.42 0.29 1.05
N CYS A 61 18.06 -0.03 -0.06
CA CYS A 61 17.32 -0.39 -1.26
C CYS A 61 17.97 -1.66 -1.79
N VAL A 62 17.22 -2.38 -2.62
CA VAL A 62 17.60 -3.62 -3.20
C VAL A 62 17.32 -3.60 -4.70
N GLU A 63 18.23 -4.19 -5.47
CA GLU A 63 18.03 -4.42 -6.91
C GLU A 63 17.56 -5.85 -7.04
N ILE A 64 16.56 -6.08 -7.86
CA ILE A 64 16.09 -7.41 -8.08
C ILE A 64 16.02 -7.61 -9.59
N GLN A 65 16.22 -8.84 -10.03
CA GLN A 65 15.90 -9.32 -11.42
C GLN A 65 14.66 -10.16 -11.32
N THR A 66 13.61 -9.69 -11.99
CA THR A 66 12.27 -10.28 -11.78
C THR A 66 11.54 -10.58 -13.05
N THR A 67 10.95 -11.75 -13.08
CA THR A 67 9.96 -12.09 -14.16
C THR A 67 8.50 -11.86 -13.73
N LEU A 68 8.29 -11.36 -12.53
CA LEU A 68 6.93 -11.02 -12.13
C LEU A 68 6.48 -9.66 -12.72
N THR A 69 5.18 -9.55 -12.96
CA THR A 69 4.58 -8.23 -13.28
C THR A 69 4.69 -7.30 -12.04
N VAL A 70 4.51 -6.00 -12.23
CA VAL A 70 4.66 -5.06 -11.13
C VAL A 70 3.60 -5.41 -10.06
N LEU A 71 2.42 -5.92 -10.44
CA LEU A 71 1.39 -6.20 -9.41
C LEU A 71 1.73 -7.50 -8.65
N GLN A 72 2.39 -8.43 -9.32
CA GLN A 72 2.74 -9.69 -8.68
C GLN A 72 3.90 -9.32 -7.69
N LEU A 73 4.73 -8.37 -8.11
CA LEU A 73 5.92 -7.97 -7.34
C LEU A 73 5.29 -7.30 -6.08
N LEU A 74 4.26 -6.48 -6.29
CA LEU A 74 3.60 -5.79 -5.19
C LEU A 74 3.07 -6.80 -4.18
N GLU A 75 2.52 -7.91 -4.68
CA GLU A 75 2.04 -9.02 -3.87
C GLU A 75 3.10 -9.59 -2.96
N CYS A 76 4.24 -9.92 -3.55
CA CYS A 76 5.42 -10.34 -2.81
C CYS A 76 5.84 -9.33 -1.76
N CYS A 77 5.82 -8.04 -2.08
CA CYS A 77 6.12 -7.01 -1.10
C CYS A 77 5.12 -7.03 0.07
N LEU A 78 3.84 -7.22 -0.25
CA LEU A 78 2.79 -7.12 0.77
C LEU A 78 2.91 -8.30 1.71
N LYS A 79 3.25 -9.45 1.15
CA LYS A 79 3.29 -10.70 1.90
C LYS A 79 4.46 -10.66 2.84
N THR A 80 5.56 -10.06 2.36
CA THR A 80 6.74 -9.91 3.13
C THR A 80 6.53 -9.01 4.32
N GLU A 81 5.80 -7.91 4.12
CA GLU A 81 5.40 -6.98 5.20
C GLU A 81 4.58 -7.72 6.24
N GLU A 82 3.47 -8.30 5.80
CA GLU A 82 2.56 -8.98 6.76
C GLU A 82 3.38 -9.98 7.59
N CYS A 83 4.23 -10.74 6.92
CA CYS A 83 5.06 -11.75 7.58
C CYS A 83 6.01 -11.16 8.67
N LEU A 84 6.78 -10.14 8.35
CA LEU A 84 7.75 -9.61 9.34
C LEU A 84 7.10 -8.57 10.25
N HIS A 85 5.78 -8.49 10.16
CA HIS A 85 5.03 -7.66 11.15
C HIS A 85 4.55 -8.42 12.32
N ARG A 86 4.47 -9.74 12.18
N ARG A 86 4.48 -9.75 12.17
CA ARG A 86 4.02 -10.62 13.24
CA ARG A 86 4.08 -10.65 13.25
C ARG A 86 4.78 -10.42 14.56
C ARG A 86 4.80 -10.34 14.57
N ILE A 87 4.06 -10.31 15.69
CA ILE A 87 4.77 -10.16 17.02
C ILE A 87 5.77 -11.30 17.28
N ARG A 88 6.83 -11.03 18.03
CA ARG A 88 7.66 -12.08 18.56
C ARG A 88 7.18 -12.44 19.96
N LYS A 89 7.00 -11.43 20.80
CA LYS A 89 6.37 -11.57 22.13
C LYS A 89 5.43 -10.40 22.26
N GLU A 90 4.18 -10.64 22.68
CA GLU A 90 3.22 -9.54 22.78
C GLU A 90 3.78 -8.34 23.57
N ARG A 91 4.44 -8.60 24.68
CA ARG A 91 4.88 -7.49 25.56
C ARG A 91 5.98 -6.64 24.88
N TRP A 92 6.63 -7.20 23.85
CA TRP A 92 7.63 -6.49 23.04
C TRP A 92 6.98 -5.61 22.01
N GLY A 93 5.77 -5.96 21.60
CA GLY A 93 5.00 -5.23 20.60
C GLY A 93 5.16 -5.79 19.18
N PRO A 94 4.44 -5.21 18.21
CA PRO A 94 4.59 -5.62 16.81
C PRO A 94 6.02 -5.38 16.28
N ARG A 95 6.40 -6.11 15.23
CA ARG A 95 7.67 -5.78 14.58
C ARG A 95 7.32 -4.83 13.42
N THR A 96 8.30 -4.18 12.81
CA THR A 96 7.98 -3.27 11.67
C THR A 96 8.84 -3.63 10.43
N LEU A 97 8.26 -3.39 9.27
CA LEU A 97 8.94 -3.44 7.95
C LEU A 97 8.08 -2.78 6.89
N ASP A 98 8.70 -1.84 6.16
CA ASP A 98 8.08 -1.31 4.93
C ASP A 98 8.90 -1.78 3.73
N VAL A 99 8.21 -2.20 2.67
CA VAL A 99 8.86 -2.59 1.40
C VAL A 99 8.00 -1.99 0.27
N ASP A 100 8.60 -1.09 -0.51
CA ASP A 100 7.95 -0.28 -1.51
C ASP A 100 8.64 -0.60 -2.85
N ILE A 101 7.90 -0.60 -3.95
CA ILE A 101 8.55 -0.66 -5.25
C ILE A 101 8.91 0.72 -5.66
N LEU A 102 10.17 0.91 -5.91
CA LEU A 102 10.66 2.22 -6.27
C LEU A 102 10.69 2.50 -7.74
N LEU A 103 11.23 1.52 -8.49
CA LEU A 103 11.46 1.54 -9.94
C LEU A 103 11.19 0.17 -10.49
N TYR A 104 10.56 0.11 -11.67
CA TYR A 104 10.27 -1.17 -12.30
C TYR A 104 10.65 -1.00 -13.74
N GLY A 105 11.83 -1.52 -14.07
CA GLY A 105 12.43 -1.28 -15.39
C GLY A 105 12.50 0.22 -15.57
N GLU A 106 12.11 0.71 -16.73
CA GLU A 106 12.04 2.19 -16.87
C GLU A 106 10.65 2.64 -17.10
N GLU A 107 9.72 1.88 -16.56
CA GLU A 107 8.30 2.13 -16.76
C GLU A 107 7.69 3.05 -15.72
N MET A 108 6.71 3.82 -16.17
CA MET A 108 5.82 4.58 -15.31
C MET A 108 4.54 3.82 -15.22
N ILE A 109 4.11 3.59 -14.00
CA ILE A 109 2.93 2.76 -13.75
C ILE A 109 2.00 3.62 -12.93
N ASP A 110 0.77 3.77 -13.40
CA ASP A 110 -0.18 4.63 -12.70
C ASP A 110 -1.53 3.89 -12.67
N LEU A 111 -1.68 3.10 -11.62
CA LEU A 111 -2.89 2.32 -11.30
C LEU A 111 -3.51 2.82 -10.02
N PRO A 112 -4.83 2.57 -9.86
CA PRO A 112 -5.38 3.03 -8.58
C PRO A 112 -4.66 2.43 -7.33
N LYS A 113 -4.26 1.16 -7.38
N LYS A 113 -4.24 1.16 -7.44
CA LYS A 113 -3.62 0.57 -6.20
CA LYS A 113 -3.64 0.46 -6.33
C LYS A 113 -2.12 0.83 -6.13
C LYS A 113 -2.13 0.52 -6.31
N LEU A 114 -1.53 1.28 -7.23
CA LEU A 114 -0.06 1.39 -7.31
C LEU A 114 0.45 2.44 -8.31
N SER A 115 1.37 3.30 -7.84
CA SER A 115 2.19 4.16 -8.71
C SER A 115 3.65 3.81 -8.49
N VAL A 116 4.29 3.46 -9.57
CA VAL A 116 5.74 3.25 -9.65
C VAL A 116 6.34 4.09 -10.76
N PRO A 117 7.36 4.89 -10.41
CA PRO A 117 7.75 5.31 -9.06
C PRO A 117 6.59 6.04 -8.33
N HIS A 118 6.60 6.03 -7.00
CA HIS A 118 5.64 6.90 -6.28
C HIS A 118 5.92 8.34 -6.73
N PRO A 119 4.87 9.14 -6.96
CA PRO A 119 5.18 10.50 -7.46
C PRO A 119 5.93 11.40 -6.48
N ARG A 120 5.97 11.02 -5.21
CA ARG A 120 6.62 11.83 -4.18
C ARG A 120 7.94 11.21 -3.69
N MET A 121 8.35 10.15 -4.37
CA MET A 121 9.56 9.40 -4.01
C MET A 121 10.79 10.32 -4.11
N ASN A 122 10.67 11.27 -5.03
CA ASN A 122 11.70 12.30 -5.30
C ASN A 122 11.96 13.16 -4.06
N GLU A 123 10.98 13.19 -3.13
CA GLU A 123 11.11 14.00 -1.92
C GLU A 123 11.94 13.34 -0.82
N ARG A 124 12.22 12.05 -0.98
CA ARG A 124 12.62 11.17 0.11
C ARG A 124 14.12 10.82 0.02
N ALA A 125 14.91 11.53 0.84
CA ALA A 125 16.33 11.21 0.95
C ALA A 125 16.57 9.83 1.45
N PHE A 126 15.68 9.33 2.30
CA PHE A 126 15.86 7.96 2.87
C PHE A 126 15.72 6.90 1.77
N VAL A 127 15.10 7.30 0.66
CA VAL A 127 15.05 6.50 -0.54
C VAL A 127 16.23 6.82 -1.43
N LEU A 128 16.33 8.09 -1.85
CA LEU A 128 17.21 8.39 -2.91
C LEU A 128 18.64 8.14 -2.55
N ILE A 129 19.02 8.33 -1.28
CA ILE A 129 20.47 8.18 -0.95
C ILE A 129 20.98 6.74 -1.08
N PRO A 130 20.30 5.81 -0.46
CA PRO A 130 20.65 4.46 -0.63
C PRO A 130 20.37 3.97 -2.05
N LEU A 131 19.33 4.51 -2.73
CA LEU A 131 19.11 4.15 -4.16
C LEU A 131 20.29 4.49 -5.02
N ASN A 132 20.83 5.69 -4.80
CA ASN A 132 21.95 6.15 -5.59
C ASN A 132 23.19 5.24 -5.49
N ASP A 133 23.33 4.46 -4.41
CA ASP A 133 24.49 3.62 -4.29
C ASP A 133 24.37 2.43 -5.26
N ILE A 134 23.16 2.09 -5.66
CA ILE A 134 22.90 0.88 -6.52
C ILE A 134 22.21 1.11 -7.85
N ALA A 135 21.77 2.34 -8.08
CA ALA A 135 20.96 2.65 -9.24
C ALA A 135 21.27 4.06 -9.72
N ALA A 136 22.51 4.52 -9.53
CA ALA A 136 22.92 5.92 -9.82
C ALA A 136 22.55 6.30 -11.27
N ASN A 137 22.75 5.36 -12.19
CA ASN A 137 22.51 5.63 -13.59
C ASN A 137 21.14 5.22 -14.12
N VAL A 138 20.22 4.88 -13.25
CA VAL A 138 18.90 4.46 -13.74
C VAL A 138 18.02 5.71 -13.89
N VAL A 139 17.29 5.83 -15.00
CA VAL A 139 16.45 7.02 -15.26
C VAL A 139 15.12 6.83 -14.49
N GLU A 140 14.81 7.80 -13.63
CA GLU A 140 13.54 7.83 -12.95
C GLU A 140 12.59 8.49 -13.96
N PRO A 141 11.56 7.75 -14.40
CA PRO A 141 10.80 8.16 -15.61
C PRO A 141 9.88 9.37 -15.46
N ARG A 142 9.40 9.67 -14.25
CA ARG A 142 8.54 10.85 -14.08
C ARG A 142 9.35 12.13 -14.32
N SER A 143 10.44 12.27 -13.57
CA SER A 143 11.29 13.45 -13.69
C SER A 143 12.13 13.46 -14.98
N LYS A 144 12.39 12.26 -15.52
CA LYS A 144 13.46 12.01 -16.52
C LYS A 144 14.92 12.15 -16.04
N LEU A 145 15.15 12.46 -14.77
CA LEU A 145 16.47 12.49 -14.21
C LEU A 145 16.95 11.07 -13.78
N LYS A 146 18.23 10.78 -13.97
CA LYS A 146 18.82 9.56 -13.36
C LYS A 146 18.82 9.79 -11.87
N VAL A 147 18.79 8.70 -11.15
CA VAL A 147 18.84 8.71 -9.72
C VAL A 147 20.07 9.51 -9.23
N LYS A 148 21.24 9.34 -9.82
CA LYS A 148 22.35 10.20 -9.36
C LYS A 148 22.11 11.76 -9.44
N ASP A 149 21.17 12.20 -10.25
CA ASP A 149 20.90 13.66 -10.42
C ASP A 149 19.70 14.11 -9.64
N LEU A 150 18.95 13.14 -9.13
CA LEU A 150 17.82 13.44 -8.22
C LEU A 150 18.29 13.50 -6.77
N VAL A 151 19.22 12.61 -6.41
CA VAL A 151 19.69 12.56 -5.06
C VAL A 151 20.16 13.96 -4.60
N PHE A 152 19.85 14.30 -3.37
CA PHE A 152 20.33 15.59 -2.77
C PHE A 152 20.88 15.36 -1.36
N VAL A 153 21.63 16.36 -0.90
CA VAL A 153 22.16 16.39 0.47
C VAL A 153 21.09 16.41 1.54
N ASP A 154 21.17 15.48 2.51
CA ASP A 154 20.24 15.49 3.63
C ASP A 154 20.98 14.97 4.85
N ASP A 155 21.12 15.84 5.84
CA ASP A 155 21.86 15.47 7.04
C ASP A 155 21.08 14.54 7.96
N SER A 156 19.76 14.45 7.78
CA SER A 156 18.96 13.52 8.58
C SER A 156 19.17 12.06 8.14
N VAL A 157 19.99 11.82 7.11
CA VAL A 157 20.24 10.47 6.59
C VAL A 157 21.73 10.20 6.69
N LYS A 158 22.15 9.12 7.33
CA LYS A 158 23.59 8.85 7.45
C LYS A 158 23.82 7.37 7.40
N ARG A 159 25.01 6.96 6.93
CA ARG A 159 25.26 5.55 6.81
C ARG A 159 25.29 4.94 8.19
N TYR A 160 24.71 3.73 8.26
CA TYR A 160 24.50 3.09 9.57
C TYR A 160 25.66 2.16 9.87
N LYS A 161 26.14 1.43 8.85
CA LYS A 161 27.42 0.71 8.90
C LYS A 161 28.06 0.87 7.55
N SER B 2 -9.47 5.61 24.29
CA SER B 2 -10.63 4.89 23.64
C SER B 2 -11.54 5.81 22.84
N HIS B 3 -11.07 7.03 22.54
CA HIS B 3 -11.69 7.89 21.52
C HIS B 3 -11.94 7.11 20.25
N MET B 4 -13.18 7.17 19.78
CA MET B 4 -13.64 6.43 18.58
C MET B 4 -13.54 7.34 17.34
N ILE B 5 -13.00 6.80 16.24
CA ILE B 5 -12.87 7.55 15.04
C ILE B 5 -13.80 6.86 14.05
N GLN B 6 -14.47 7.68 13.26
CA GLN B 6 -15.27 7.15 12.17
C GLN B 6 -14.48 7.18 10.90
N ALA B 7 -14.24 6.01 10.33
CA ALA B 7 -13.48 5.88 9.09
C ALA B 7 -14.27 5.13 8.01
N TYR B 8 -13.88 5.36 6.77
CA TYR B 8 -14.49 4.74 5.59
C TYR B 8 -13.44 4.03 4.78
N LEU B 9 -13.70 2.77 4.44
CA LEU B 9 -12.79 1.94 3.66
C LEU B 9 -13.40 1.57 2.35
N GLY B 10 -12.51 1.28 1.38
CA GLY B 10 -12.89 0.97 0.02
C GLY B 10 -12.46 -0.43 -0.18
N LEU B 11 -13.37 -1.27 -0.63
CA LEU B 11 -13.05 -2.69 -0.87
C LEU B 11 -13.30 -3.02 -2.31
N GLY B 12 -12.40 -3.85 -2.87
CA GLY B 12 -12.50 -4.25 -4.29
C GLY B 12 -12.04 -5.65 -4.52
N SER B 13 -12.67 -6.36 -5.47
CA SER B 13 -12.19 -7.63 -5.89
C SER B 13 -12.58 -7.87 -7.38
N ASN B 14 -11.64 -8.28 -8.22
CA ASN B 14 -12.05 -8.66 -9.56
C ASN B 14 -11.71 -10.09 -9.99
N ILE B 15 -11.03 -10.84 -9.14
CA ILE B 15 -10.63 -12.18 -9.50
C ILE B 15 -11.12 -13.09 -8.36
N GLY B 16 -11.89 -14.09 -8.75
CA GLY B 16 -12.36 -15.13 -7.87
C GLY B 16 -13.84 -14.88 -7.66
N ASP B 17 -14.36 -15.45 -6.58
CA ASP B 17 -15.69 -15.14 -6.13
C ASP B 17 -15.70 -13.75 -5.49
N ARG B 18 -15.97 -12.72 -6.28
CA ARG B 18 -15.72 -11.37 -5.87
C ARG B 18 -16.60 -11.00 -4.69
N GLU B 19 -17.86 -11.42 -4.72
CA GLU B 19 -18.77 -11.06 -3.66
C GLU B 19 -18.41 -11.69 -2.32
N SER B 20 -18.05 -12.98 -2.37
CA SER B 20 -17.58 -13.76 -1.23
C SER B 20 -16.31 -13.17 -0.62
N GLN B 21 -15.41 -12.76 -1.50
CA GLN B 21 -14.20 -12.03 -1.10
C GLN B 21 -14.62 -10.80 -0.29
N LEU B 22 -15.61 -10.07 -0.76
CA LEU B 22 -15.96 -8.81 -0.14
C LEU B 22 -16.61 -9.05 1.21
N ASN B 23 -17.60 -9.96 1.19
CA ASN B 23 -18.27 -10.42 2.42
C ASN B 23 -17.28 -10.99 3.41
N ASP B 24 -16.30 -11.72 2.91
CA ASP B 24 -15.24 -12.30 3.73
C ASP B 24 -14.43 -11.21 4.44
N ALA B 25 -14.11 -10.16 3.70
CA ALA B 25 -13.29 -9.08 4.18
C ALA B 25 -13.98 -8.26 5.25
N ILE B 26 -15.28 -8.04 5.08
CA ILE B 26 -16.08 -7.35 6.05
C ILE B 26 -16.10 -8.06 7.35
N LYS B 27 -16.24 -9.40 7.31
CA LYS B 27 -16.22 -10.21 8.53
C LYS B 27 -14.94 -10.05 9.33
N ILE B 28 -13.79 -10.15 8.63
CA ILE B 28 -12.47 -10.02 9.25
C ILE B 28 -12.29 -8.65 9.88
N LEU B 29 -12.66 -7.62 9.13
CA LEU B 29 -12.64 -6.26 9.66
C LEU B 29 -13.51 -6.12 10.89
N ASN B 30 -14.72 -6.67 10.83
CA ASN B 30 -15.64 -6.52 11.99
C ASN B 30 -15.15 -7.29 13.23
N GLU B 31 -14.59 -8.49 13.02
CA GLU B 31 -14.15 -9.26 14.15
C GLU B 31 -12.76 -8.83 14.64
N TYR B 32 -12.10 -7.86 13.97
CA TYR B 32 -10.87 -7.29 14.54
C TYR B 32 -11.12 -6.45 15.79
N ASP B 33 -10.20 -6.52 16.72
CA ASP B 33 -10.48 -6.06 18.08
C ASP B 33 -11.08 -4.63 18.15
N GLY B 34 -10.32 -3.62 17.80
CA GLY B 34 -10.79 -2.23 17.84
C GLY B 34 -11.37 -1.66 16.56
N ILE B 35 -12.07 -2.54 15.80
CA ILE B 35 -12.87 -2.12 14.63
C ILE B 35 -14.27 -2.67 14.79
N SER B 36 -15.25 -1.81 14.51
CA SER B 36 -16.63 -2.28 14.36
C SER B 36 -17.12 -1.72 13.01
N VAL B 37 -17.65 -2.60 12.16
CA VAL B 37 -18.20 -2.19 10.88
C VAL B 37 -19.60 -1.66 11.23
N SER B 38 -19.90 -0.40 10.87
CA SER B 38 -21.14 0.24 11.28
C SER B 38 -22.11 0.42 10.11
N ASN B 39 -21.57 0.39 8.89
CA ASN B 39 -22.44 0.54 7.75
C ASN B 39 -21.74 0.03 6.53
N ILE B 40 -22.53 -0.41 5.56
CA ILE B 40 -21.94 -1.02 4.32
C ILE B 40 -22.70 -0.48 3.14
N SER B 41 -21.97 -0.04 2.12
CA SER B 41 -22.58 0.47 0.89
C SER B 41 -23.22 -0.67 0.07
N PRO B 42 -24.03 -0.35 -0.96
CA PRO B 42 -24.37 -1.43 -1.90
C PRO B 42 -23.08 -1.85 -2.62
N ILE B 43 -23.09 -3.05 -3.24
CA ILE B 43 -21.98 -3.46 -4.10
C ILE B 43 -22.25 -2.95 -5.51
N TYR B 44 -21.19 -2.41 -6.12
CA TYR B 44 -21.27 -1.94 -7.47
C TYR B 44 -20.36 -2.79 -8.34
N GLU B 45 -20.85 -3.14 -9.53
CA GLU B 45 -19.94 -3.71 -10.54
C GLU B 45 -19.32 -2.63 -11.33
N THR B 46 -17.99 -2.66 -11.49
CA THR B 46 -17.35 -1.46 -12.07
C THR B 46 -16.29 -1.83 -13.11
N ALA B 47 -16.23 -1.09 -14.19
CA ALA B 47 -15.21 -1.35 -15.24
C ALA B 47 -13.84 -1.07 -14.59
N PRO B 48 -12.86 -1.94 -14.85
CA PRO B 48 -11.51 -1.73 -14.36
C PRO B 48 -10.93 -0.31 -14.77
N VAL B 49 -10.33 0.38 -13.80
CA VAL B 49 -9.48 1.57 -14.02
C VAL B 49 -8.02 1.12 -13.88
N GLY B 50 -7.16 1.59 -14.76
CA GLY B 50 -5.78 1.11 -14.86
C GLY B 50 -5.81 0.21 -16.10
N TYR B 51 -5.35 -1.03 -15.97
CA TYR B 51 -5.34 -1.88 -17.15
C TYR B 51 -6.79 -2.10 -17.56
N THR B 52 -7.05 -1.95 -18.83
CA THR B 52 -8.39 -2.23 -19.40
C THR B 52 -8.70 -3.73 -19.55
N GLU B 53 -7.68 -4.53 -19.88
CA GLU B 53 -7.85 -5.96 -20.01
C GLU B 53 -7.69 -6.64 -18.69
N GLN B 54 -8.79 -6.66 -17.92
CA GLN B 54 -8.86 -7.36 -16.65
C GLN B 54 -10.36 -7.41 -16.30
N PRO B 55 -10.76 -8.35 -15.47
CA PRO B 55 -12.20 -8.49 -15.24
C PRO B 55 -12.82 -7.30 -14.51
N ASN B 56 -14.15 -7.20 -14.56
CA ASN B 56 -14.81 -6.10 -13.83
C ASN B 56 -14.62 -6.30 -12.34
N PHE B 57 -14.48 -5.19 -11.61
CA PHE B 57 -14.46 -5.28 -10.15
C PHE B 57 -15.90 -5.31 -9.57
N LEU B 58 -15.99 -5.88 -8.37
CA LEU B 58 -17.03 -5.50 -7.46
C LEU B 58 -16.35 -4.62 -6.38
N ASN B 59 -16.98 -3.45 -6.15
CA ASN B 59 -16.56 -2.42 -5.18
C ASN B 59 -17.69 -2.08 -4.23
N LEU B 60 -17.29 -1.75 -2.99
CA LEU B 60 -18.21 -1.18 -2.04
C LEU B 60 -17.35 -0.42 -1.09
N CYS B 61 -18.02 0.20 -0.13
CA CYS B 61 -17.30 0.88 0.90
C CYS B 61 -17.95 0.49 2.19
N VAL B 62 -17.13 0.57 3.25
CA VAL B 62 -17.69 0.37 4.58
C VAL B 62 -17.35 1.53 5.50
N GLU B 63 -18.30 1.88 6.35
CA GLU B 63 -18.05 2.73 7.54
C GLU B 63 -17.56 1.89 8.71
N ILE B 64 -16.52 2.37 9.40
CA ILE B 64 -16.11 1.70 10.62
C ILE B 64 -16.06 2.74 11.76
N GLN B 65 -16.29 2.23 12.96
CA GLN B 65 -15.95 2.94 14.21
C GLN B 65 -14.74 2.24 14.79
N THR B 66 -13.70 3.01 15.06
CA THR B 66 -12.44 2.36 15.37
C THR B 66 -11.68 3.15 16.38
N THR B 67 -11.02 2.44 17.27
CA THR B 67 -10.18 3.04 18.31
C THR B 67 -8.73 2.88 17.89
N LEU B 68 -8.54 2.24 16.72
CA LEU B 68 -7.20 2.08 16.18
C LEU B 68 -6.63 3.36 15.54
N THR B 69 -5.31 3.48 15.64
CA THR B 69 -4.70 4.58 14.90
C THR B 69 -4.78 4.28 13.39
N VAL B 70 -4.50 5.29 12.55
CA VAL B 70 -4.59 5.12 11.14
C VAL B 70 -3.61 4.04 10.67
N LEU B 71 -2.41 3.98 11.26
CA LEU B 71 -1.39 2.97 10.83
C LEU B 71 -1.74 1.56 11.34
N GLN B 72 -2.38 1.48 12.49
CA GLN B 72 -2.83 0.21 13.01
C GLN B 72 -4.03 -0.27 12.13
N LEU B 73 -4.79 0.69 11.61
CA LEU B 73 -5.91 0.36 10.70
C LEU B 73 -5.34 -0.15 9.40
N LEU B 74 -4.33 0.55 8.89
CA LEU B 74 -3.68 0.09 7.69
C LEU B 74 -3.17 -1.35 7.81
N GLU B 75 -2.65 -1.68 9.02
CA GLU B 75 -2.19 -3.01 9.34
C GLU B 75 -3.28 -4.04 9.16
N CYS B 76 -4.43 -3.77 9.80
N CYS B 76 -4.42 -3.76 9.82
CA CYS B 76 -5.60 -4.62 9.65
CA CYS B 76 -5.63 -4.57 9.69
C CYS B 76 -6.03 -4.82 8.21
C CYS B 76 -6.00 -4.81 8.23
N CYS B 77 -6.06 -3.74 7.44
CA CYS B 77 -6.33 -3.82 6.01
C CYS B 77 -5.36 -4.79 5.28
N LEU B 78 -4.08 -4.66 5.63
CA LEU B 78 -3.00 -5.44 5.05
C LEU B 78 -3.15 -6.91 5.40
N LYS B 79 -3.44 -7.20 6.67
CA LYS B 79 -3.59 -8.60 7.13
C LYS B 79 -4.83 -9.17 6.45
N THR B 80 -5.88 -8.35 6.29
CA THR B 80 -7.14 -8.79 5.66
C THR B 80 -6.93 -9.24 4.20
N GLU B 81 -6.19 -8.41 3.47
CA GLU B 81 -5.78 -8.65 2.11
C GLU B 81 -4.98 -9.94 2.01
N GLU B 82 -4.00 -10.05 2.88
CA GLU B 82 -2.93 -11.05 2.71
C GLU B 82 -3.63 -12.35 2.77
N CYS B 83 -4.42 -12.45 3.83
CA CYS B 83 -5.24 -13.55 4.14
C CYS B 83 -6.21 -13.97 3.00
N LEU B 84 -6.88 -13.01 2.37
CA LEU B 84 -7.79 -13.32 1.28
C LEU B 84 -7.12 -13.33 -0.14
N HIS B 85 -5.80 -13.25 -0.19
CA HIS B 85 -5.11 -13.54 -1.46
C HIS B 85 -4.64 -15.00 -1.49
N ARG B 86 -4.63 -15.63 -0.33
CA ARG B 86 -4.14 -17.01 -0.17
C ARG B 86 -4.88 -17.96 -1.10
N ILE B 87 -4.12 -18.82 -1.79
CA ILE B 87 -4.75 -19.71 -2.74
C ILE B 87 -5.30 -20.95 -2.02
N ARG B 88 -6.48 -21.40 -2.43
CA ARG B 88 -7.10 -22.59 -1.89
CA ARG B 88 -7.05 -22.63 -1.87
C ARG B 88 -6.89 -23.78 -2.85
N LYS B 89 -6.55 -23.46 -4.10
CA LYS B 89 -6.16 -24.46 -5.13
C LYS B 89 -5.22 -23.78 -6.15
N GLU B 90 -3.98 -24.25 -6.29
CA GLU B 90 -2.99 -23.52 -7.14
C GLU B 90 -3.45 -23.25 -8.59
N ARG B 91 -3.99 -24.29 -9.23
CA ARG B 91 -4.72 -24.28 -10.54
C ARG B 91 -5.88 -23.26 -10.67
N TRP B 92 -6.85 -23.38 -9.76
CA TRP B 92 -7.89 -22.39 -9.47
C TRP B 92 -7.45 -20.96 -9.35
N GLY B 93 -6.13 -20.75 -9.26
CA GLY B 93 -5.52 -19.43 -9.28
C GLY B 93 -5.59 -18.60 -8.00
N PRO B 94 -4.87 -17.45 -7.99
CA PRO B 94 -5.01 -16.52 -6.86
C PRO B 94 -6.40 -15.85 -6.87
N ARG B 95 -6.72 -15.10 -5.81
CA ARG B 95 -7.89 -14.21 -5.80
C ARG B 95 -7.43 -12.82 -5.39
N THR B 96 -8.18 -11.80 -5.78
CA THR B 96 -7.80 -10.48 -5.42
C THR B 96 -8.77 -9.90 -4.37
N LEU B 97 -8.19 -9.15 -3.47
CA LEU B 97 -8.96 -8.27 -2.58
C LEU B 97 -8.10 -7.06 -2.31
N ASP B 98 -8.66 -5.87 -2.58
CA ASP B 98 -8.05 -4.61 -2.23
C ASP B 98 -8.85 -4.00 -1.07
N VAL B 99 -8.20 -3.58 0.01
CA VAL B 99 -8.87 -2.84 1.14
C VAL B 99 -8.08 -1.58 1.40
N ASP B 100 -8.61 -0.41 1.04
CA ASP B 100 -7.98 0.87 1.13
C ASP B 100 -8.65 1.76 2.19
N ILE B 101 -7.87 2.62 2.85
CA ILE B 101 -8.47 3.58 3.76
C ILE B 101 -8.83 4.82 2.96
N LEU B 102 -10.11 5.13 2.93
CA LEU B 102 -10.54 6.30 2.12
C LEU B 102 -10.62 7.61 2.91
N LEU B 103 -11.18 7.53 4.12
CA LEU B 103 -11.35 8.67 5.02
C LEU B 103 -11.10 8.14 6.43
N TYR B 104 -10.46 8.94 7.27
CA TYR B 104 -10.17 8.59 8.66
C TYR B 104 -10.53 9.85 9.45
N GLY B 105 -11.67 9.83 10.14
CA GLY B 105 -12.19 11.03 10.82
C GLY B 105 -12.33 12.13 9.80
N GLU B 106 -11.95 13.33 10.17
CA GLU B 106 -11.88 14.43 9.13
C GLU B 106 -10.48 14.85 8.81
N GLU B 107 -9.54 13.96 9.12
CA GLU B 107 -8.11 14.20 9.07
C GLU B 107 -7.59 13.99 7.66
N MET B 108 -6.71 14.86 7.15
CA MET B 108 -5.89 14.38 6.03
C MET B 108 -4.57 13.87 6.57
N ILE B 109 -4.14 12.74 6.06
CA ILE B 109 -2.95 12.05 6.55
C ILE B 109 -2.00 12.05 5.38
N ASP B 110 -0.77 12.50 5.57
N ASP B 110 -0.79 12.48 5.68
CA ASP B 110 0.20 12.49 4.46
CA ASP B 110 0.24 12.54 4.70
C ASP B 110 1.56 12.01 4.99
C ASP B 110 1.45 11.92 5.35
N LEU B 111 1.72 10.69 4.96
CA LEU B 111 2.97 9.97 5.40
C LEU B 111 3.48 9.20 4.21
N PRO B 112 4.80 9.00 4.12
CA PRO B 112 5.35 8.26 2.97
C PRO B 112 4.62 6.93 2.79
N LYS B 113 4.18 6.28 3.85
CA LYS B 113 3.55 5.00 3.57
C LYS B 113 2.06 5.11 3.33
N LEU B 114 1.48 6.27 3.59
CA LEU B 114 0.01 6.35 3.57
C LEU B 114 -0.44 7.75 3.33
N SER B 115 -1.24 7.95 2.27
CA SER B 115 -2.05 9.16 2.17
C SER B 115 -3.53 8.83 2.32
N VAL B 116 -4.21 9.56 3.18
CA VAL B 116 -5.66 9.41 3.35
C VAL B 116 -6.32 10.77 3.26
N PRO B 117 -7.27 10.96 2.28
CA PRO B 117 -7.67 10.08 1.19
C PRO B 117 -6.54 9.93 0.20
N HIS B 118 -6.62 9.00 -0.74
CA HIS B 118 -5.60 8.98 -1.76
C HIS B 118 -5.72 10.30 -2.50
N PRO B 119 -4.58 10.90 -2.91
CA PRO B 119 -4.73 12.20 -3.59
C PRO B 119 -5.62 12.14 -4.83
N ARG B 120 -5.87 10.95 -5.38
CA ARG B 120 -6.63 10.81 -6.63
C ARG B 120 -7.95 10.06 -6.42
N MET B 121 -8.36 9.96 -5.17
CA MET B 121 -9.62 9.34 -4.81
C MET B 121 -10.79 9.98 -5.54
N ASN B 122 -10.77 11.30 -5.66
CA ASN B 122 -11.93 12.11 -6.16
C ASN B 122 -12.13 11.92 -7.65
N GLU B 123 -11.16 11.30 -8.31
CA GLU B 123 -11.30 10.94 -9.72
C GLU B 123 -12.03 9.60 -9.99
N ARG B 124 -12.23 8.80 -8.94
CA ARG B 124 -12.64 7.42 -9.04
C ARG B 124 -14.12 7.17 -8.70
N ALA B 125 -14.92 6.92 -9.74
CA ALA B 125 -16.33 6.74 -9.53
C ALA B 125 -16.49 5.45 -8.74
N PHE B 126 -15.58 4.52 -8.90
CA PHE B 126 -15.86 3.20 -8.25
C PHE B 126 -15.73 3.34 -6.70
N VAL B 127 -15.10 4.42 -6.26
CA VAL B 127 -15.09 4.77 -4.86
C VAL B 127 -16.28 5.67 -4.55
N LEU B 128 -16.37 6.82 -5.22
CA LEU B 128 -17.22 7.87 -4.78
C LEU B 128 -18.66 7.43 -4.78
N ILE B 129 -19.08 6.66 -5.77
CA ILE B 129 -20.52 6.26 -5.87
C ILE B 129 -20.98 5.43 -4.65
N PRO B 130 -20.31 4.28 -4.41
CA PRO B 130 -20.67 3.57 -3.16
C PRO B 130 -20.33 4.41 -1.91
N LEU B 131 -19.38 5.34 -1.97
CA LEU B 131 -19.01 6.12 -0.77
C LEU B 131 -20.14 7.15 -0.41
N ASN B 132 -20.75 7.71 -1.43
CA ASN B 132 -21.88 8.64 -1.31
C ASN B 132 -23.09 7.98 -0.70
N ASP B 133 -23.21 6.67 -0.84
CA ASP B 133 -24.33 5.94 -0.31
C ASP B 133 -24.27 5.90 1.22
N ILE B 134 -23.06 5.99 1.78
CA ILE B 134 -22.91 5.86 3.25
C ILE B 134 -22.26 7.05 3.92
N ALA B 135 -21.77 8.02 3.13
CA ALA B 135 -20.89 9.07 3.65
C ALA B 135 -21.14 10.36 2.87
N ALA B 136 -22.37 10.55 2.38
CA ALA B 136 -22.72 11.69 1.55
C ALA B 136 -22.34 13.03 2.18
N ASN B 137 -22.56 13.13 3.50
CA ASN B 137 -22.39 14.39 4.22
C ASN B 137 -21.01 14.64 4.81
N VAL B 138 -20.16 13.62 4.69
CA VAL B 138 -18.78 13.69 5.13
C VAL B 138 -17.90 14.52 4.20
N VAL B 139 -17.13 15.39 4.86
CA VAL B 139 -16.22 16.33 4.26
C VAL B 139 -14.96 15.59 3.89
N GLU B 140 -14.63 15.65 2.61
CA GLU B 140 -13.35 15.15 2.09
C GLU B 140 -12.31 16.25 2.31
N PRO B 141 -11.29 16.00 3.16
CA PRO B 141 -10.47 17.08 3.73
C PRO B 141 -9.51 17.75 2.74
N ARG B 142 -9.09 17.05 1.68
CA ARG B 142 -8.20 17.67 0.65
C ARG B 142 -8.96 18.78 -0.05
N SER B 143 -10.08 18.40 -0.66
CA SER B 143 -10.91 19.32 -1.39
C SER B 143 -11.74 20.24 -0.47
N LYS B 144 -12.12 19.75 0.71
CA LYS B 144 -13.02 20.47 1.68
C LYS B 144 -14.49 20.48 1.27
N LEU B 145 -14.77 19.73 0.21
CA LEU B 145 -16.09 19.42 -0.28
C LEU B 145 -16.65 18.16 0.36
N LYS B 146 -17.97 18.07 0.50
CA LYS B 146 -18.64 16.84 0.96
C LYS B 146 -18.65 15.79 -0.14
N VAL B 147 -18.75 14.52 0.23
CA VAL B 147 -18.66 13.43 -0.73
C VAL B 147 -19.81 13.65 -1.74
N LYS B 148 -20.95 14.14 -1.28
CA LYS B 148 -22.08 14.40 -2.19
C LYS B 148 -21.79 15.50 -3.20
N ASP B 149 -20.81 16.34 -2.91
CA ASP B 149 -20.41 17.41 -3.81
C ASP B 149 -19.32 16.87 -4.78
N LEU B 150 -18.78 15.68 -4.50
CA LEU B 150 -17.71 15.14 -5.37
C LEU B 150 -18.23 14.08 -6.34
N VAL B 151 -19.18 13.29 -5.87
CA VAL B 151 -19.68 12.19 -6.65
C VAL B 151 -20.22 12.69 -7.99
N PHE B 152 -19.93 11.92 -9.04
CA PHE B 152 -20.34 12.28 -10.38
C PHE B 152 -20.97 11.07 -11.08
N VAL B 153 -21.77 11.36 -12.11
CA VAL B 153 -22.37 10.31 -12.93
C VAL B 153 -21.33 9.51 -13.67
N ASP B 154 -21.41 8.19 -13.54
CA ASP B 154 -20.50 7.35 -14.28
C ASP B 154 -21.16 6.04 -14.69
N ASP B 155 -21.40 5.88 -15.98
CA ASP B 155 -22.05 4.67 -16.46
C ASP B 155 -21.23 3.38 -16.41
N SER B 156 -19.92 3.49 -16.13
CA SER B 156 -19.12 2.28 -15.90
C SER B 156 -19.33 1.62 -14.54
N VAL B 157 -20.08 2.27 -13.65
CA VAL B 157 -20.34 1.86 -12.26
C VAL B 157 -21.83 1.61 -12.12
N LYS B 158 -22.21 0.38 -11.75
CA LYS B 158 -23.57 0.00 -11.76
C LYS B 158 -23.82 -0.88 -10.56
N ARG B 159 -24.98 -0.70 -9.95
CA ARG B 159 -25.32 -1.50 -8.81
C ARG B 159 -25.35 -2.97 -9.17
N TYR B 160 -24.83 -3.77 -8.28
CA TYR B 160 -24.61 -5.14 -8.67
C TYR B 160 -25.73 -5.96 -8.13
N LYS B 161 -26.29 -5.50 -7.01
CA LYS B 161 -27.35 -6.22 -6.23
C LYS B 161 -28.20 -5.21 -5.48
O15 GSY C . 7.40 4.64 3.71
C14 GSY C . 8.56 4.18 4.37
C13 GSY C . 8.26 4.15 5.86
N7 GSY C . 8.60 5.51 6.39
C5 GSY C . 9.87 5.93 6.48
C6 GSY C . 11.13 5.36 6.16
O11 GSY C . 11.28 4.20 5.72
N1 GSY C . 12.27 6.10 6.43
C2 GSY C . 12.10 7.40 6.97
N2 GSY C . 13.12 8.14 7.29
N3 GSY C . 10.90 7.89 7.25
C4 GSY C . 9.79 7.19 7.03
N9 GSY C . 8.49 7.47 7.25
C8 GSY C . 7.79 6.45 6.86
S10 GSY C . 6.00 6.45 6.97
O15 GSY D . -7.31 0.26 -6.32
C14 GSY D . -8.44 -0.58 -6.22
C13 GSY D . -8.23 -1.77 -7.23
N7 GSY D . -8.60 -1.28 -8.56
C5 GSY D . -9.86 -1.07 -8.95
C6 GSY D . -11.11 -1.20 -8.32
O11 GSY D . -11.21 -1.61 -7.15
N1 GSY D . -12.26 -0.86 -9.08
C2 GSY D . -12.10 -0.45 -10.39
N2 GSY D . -13.14 -0.18 -11.12
N3 GSY D . -10.87 -0.32 -10.93
C4 GSY D . -9.77 -0.61 -10.24
N9 GSY D . -8.48 -0.60 -10.55
C8 GSY D . -7.80 -1.05 -9.54
S10 GSY D . -6.01 -1.17 -9.59
#